data_6PXB
#
_entry.id   6PXB
#
_cell.length_a   64.021
_cell.length_b   64.021
_cell.length_c   119.447
_cell.angle_alpha   90.000
_cell.angle_beta   90.000
_cell.angle_gamma   120.000
#
_symmetry.space_group_name_H-M   'P 32'
#
loop_
_entity.id
_entity.type
_entity.pdbx_description
1 polymer 'Ras GTPase-activating protein 1'
2 water water
#
_entity_poly.entity_id   1
_entity_poly.type   'polypeptide(L)'
_entity_poly.pdbx_seq_one_letter_code
;GSTAPPTNQWYHGKLDRTIAEERLRQAGKSGSYLIRESDRRPGSFVLSFLSQMNVVNHFRIIAMSGDYYIGGRRFSSLSD
LIGYYSHVSSLLKGEKLLYPVAPPEPVED
;
_entity_poly.pdbx_strand_id   F,C,A,D,E,B
#
# COMPACT_ATOMS: atom_id res chain seq x y z
N THR A 7 15.88 -6.44 -21.42
CA THR A 7 15.21 -5.15 -21.41
C THR A 7 13.69 -5.30 -21.46
N ASN A 8 13.00 -4.44 -20.70
CA ASN A 8 11.54 -4.36 -20.69
C ASN A 8 10.88 -5.72 -20.43
N GLN A 9 11.55 -6.53 -19.60
CA GLN A 9 11.03 -7.83 -19.15
C GLN A 9 9.65 -7.71 -18.53
N TRP A 10 9.28 -6.53 -18.04
CA TRP A 10 8.05 -6.32 -17.30
C TRP A 10 6.78 -6.25 -18.16
N TYR A 11 6.87 -6.46 -19.47
CA TYR A 11 5.65 -6.41 -20.31
C TYR A 11 5.02 -7.78 -20.47
N HIS A 12 3.79 -7.93 -19.98
CA HIS A 12 3.06 -9.22 -20.01
C HIS A 12 1.96 -9.24 -21.06
N GLY A 13 1.85 -8.21 -21.87
CA GLY A 13 0.79 -8.19 -22.88
C GLY A 13 -0.61 -8.28 -22.30
N LYS A 14 -1.45 -9.09 -22.92
CA LYS A 14 -2.86 -9.20 -22.47
C LYS A 14 -2.91 -10.11 -21.26
N LEU A 15 -3.34 -9.58 -20.15
CA LEU A 15 -3.30 -10.39 -18.94
C LEU A 15 -4.38 -9.94 -17.96
N ASP A 16 -5.14 -10.89 -17.42
CA ASP A 16 -6.23 -10.49 -16.55
C ASP A 16 -5.70 -10.14 -15.16
N ARG A 17 -6.59 -9.61 -14.32
CA ARG A 17 -6.18 -9.14 -13.00
C ARG A 17 -5.70 -10.27 -12.11
N THR A 18 -6.42 -11.41 -12.11
CA THR A 18 -6.10 -12.47 -11.17
C THR A 18 -4.73 -13.08 -11.45
N ILE A 19 -4.41 -13.29 -12.73
CA ILE A 19 -3.09 -13.83 -13.06
C ILE A 19 -2.00 -12.79 -12.77
N ALA A 20 -2.28 -11.51 -13.04
CA ALA A 20 -1.32 -10.47 -12.70
C ALA A 20 -0.99 -10.48 -11.21
N GLU A 21 -2.01 -10.58 -10.36
CA GLU A 21 -1.79 -10.60 -8.92
C GLU A 21 -1.01 -11.84 -8.50
N GLU A 22 -1.32 -12.99 -9.12
CA GLU A 22 -0.56 -14.21 -8.88
C GLU A 22 0.93 -14.01 -9.17
N ARG A 23 1.24 -13.45 -10.33
CA ARG A 23 2.64 -13.31 -10.71
C ARG A 23 3.38 -12.36 -9.77
N LEU A 24 2.71 -11.29 -9.34
CA LEU A 24 3.37 -10.35 -8.45
C LEU A 24 3.57 -10.95 -7.07
N ARG A 25 2.55 -11.65 -6.59
CA ARG A 25 2.64 -12.32 -5.28
C ARG A 25 3.71 -13.41 -5.33
N GLN A 26 3.85 -14.08 -6.46
CA GLN A 26 4.92 -15.09 -6.60
C GLN A 26 6.27 -14.40 -6.41
N ALA A 27 6.50 -13.27 -7.03
CA ALA A 27 7.73 -12.51 -6.82
C ALA A 27 7.89 -12.18 -5.34
N GLY A 28 6.84 -11.65 -4.71
CA GLY A 28 6.75 -11.60 -3.26
C GLY A 28 7.28 -10.37 -2.55
N LYS A 29 8.00 -9.48 -3.24
CA LYS A 29 8.59 -8.32 -2.59
C LYS A 29 7.85 -7.05 -2.97
N SER A 30 7.58 -6.22 -1.96
CA SER A 30 7.01 -4.92 -2.22
C SER A 30 7.92 -4.18 -3.19
N GLY A 31 7.31 -3.47 -4.14
CA GLY A 31 8.06 -2.86 -5.23
C GLY A 31 8.12 -3.67 -6.49
N SER A 32 7.61 -4.90 -6.49
CA SER A 32 7.53 -5.70 -7.71
C SER A 32 6.41 -5.18 -8.62
N TYR A 33 6.64 -5.18 -9.94
CA TYR A 33 5.64 -4.60 -10.83
C TYR A 33 5.64 -5.25 -12.22
N LEU A 34 4.53 -5.05 -12.93
CA LEU A 34 4.43 -5.41 -14.33
C LEU A 34 3.44 -4.49 -15.02
N ILE A 35 3.57 -4.44 -16.34
CA ILE A 35 2.63 -3.75 -17.21
C ILE A 35 1.86 -4.81 -17.99
N ARG A 36 0.57 -4.63 -18.04
CA ARG A 36 -0.28 -5.49 -18.85
C ARG A 36 -1.28 -4.61 -19.57
N GLU A 37 -1.79 -5.07 -20.70
CA GLU A 37 -2.85 -4.32 -21.42
C GLU A 37 -4.17 -4.80 -20.82
N SER A 38 -4.95 -3.90 -20.22
CA SER A 38 -6.17 -4.36 -19.54
C SER A 38 -7.03 -5.17 -20.50
N ASP A 39 -7.51 -6.30 -20.05
CA ASP A 39 -8.42 -7.09 -20.91
C ASP A 39 -9.80 -6.46 -20.77
N ARG A 40 -10.08 -5.83 -19.64
CA ARG A 40 -11.38 -5.16 -19.40
C ARG A 40 -11.43 -3.84 -20.17
N ARG A 41 -10.30 -3.18 -20.39
CA ARG A 41 -10.31 -1.89 -21.14
C ARG A 41 -9.18 -1.90 -22.16
N PRO A 42 -9.33 -2.69 -23.25
CA PRO A 42 -8.30 -2.81 -24.29
C PRO A 42 -7.92 -1.46 -24.85
N GLY A 43 -6.65 -1.31 -25.22
CA GLY A 43 -6.14 -0.05 -25.68
C GLY A 43 -5.72 0.84 -24.55
N SER A 44 -5.98 0.39 -23.32
CA SER A 44 -5.51 0.96 -22.09
C SER A 44 -4.65 -0.08 -21.40
N PHE A 45 -3.87 0.36 -20.43
CA PHE A 45 -2.90 -0.51 -19.79
C PHE A 45 -3.02 -0.35 -18.29
N VAL A 46 -2.44 -1.30 -17.55
CA VAL A 46 -2.45 -1.28 -16.11
C VAL A 46 -1.01 -1.49 -15.64
N LEU A 47 -0.56 -0.62 -14.75
CA LEU A 47 0.65 -0.86 -13.98
C LEU A 47 0.21 -1.59 -12.72
N SER A 48 0.48 -2.89 -12.66
CA SER A 48 0.14 -3.68 -11.49
C SER A 48 1.36 -3.78 -10.59
N PHE A 49 1.15 -3.52 -9.29
CA PHE A 49 2.22 -3.20 -8.35
C PHE A 49 1.93 -3.82 -6.99
N LEU A 50 2.89 -4.60 -6.49
CA LEU A 50 2.79 -5.19 -5.16
C LEU A 50 3.31 -4.18 -4.15
N SER A 51 2.40 -3.66 -3.32
CA SER A 51 2.73 -2.69 -2.29
C SER A 51 2.99 -3.43 -0.96
N GLN A 52 3.11 -2.67 0.12
CA GLN A 52 3.34 -3.27 1.43
C GLN A 52 2.08 -3.99 1.92
N MET A 53 2.26 -4.88 2.89
CA MET A 53 1.18 -5.59 3.58
C MET A 53 0.31 -6.40 2.61
N ASN A 54 0.93 -6.95 1.55
CA ASN A 54 0.28 -7.88 0.63
C ASN A 54 -0.87 -7.22 -0.14
N VAL A 55 -0.69 -5.96 -0.50
CA VAL A 55 -1.67 -5.23 -1.29
C VAL A 55 -1.12 -5.07 -2.70
N VAL A 56 -1.88 -5.53 -3.68
CA VAL A 56 -1.58 -5.26 -5.08
C VAL A 56 -2.42 -4.08 -5.51
N ASN A 57 -1.77 -3.07 -6.06
CA ASN A 57 -2.45 -1.93 -6.63
C ASN A 57 -2.44 -2.11 -8.15
N HIS A 58 -3.50 -1.65 -8.78
CA HIS A 58 -3.63 -1.71 -10.23
C HIS A 58 -3.91 -0.29 -10.68
N PHE A 59 -2.91 0.35 -11.28
CA PHE A 59 -3.01 1.73 -11.70
C PHE A 59 -3.32 1.78 -13.20
N ARG A 60 -4.43 2.43 -13.50
CA ARG A 60 -4.81 2.61 -14.90
C ARG A 60 -3.79 3.59 -15.51
N ILE A 61 -3.44 3.33 -16.75
CA ILE A 61 -2.50 4.15 -17.56
C ILE A 61 -3.27 4.49 -18.82
N ILE A 62 -3.37 5.78 -19.13
CA ILE A 62 -4.23 6.12 -20.29
C ILE A 62 -3.37 6.40 -21.50
N ALA A 63 -3.76 5.78 -22.62
CA ALA A 63 -3.10 5.97 -23.92
C ALA A 63 -3.85 7.09 -24.64
N MET A 64 -3.32 8.31 -24.67
CA MET A 64 -4.00 9.46 -25.33
C MET A 64 -3.06 10.16 -26.31
N SER A 65 -3.51 10.32 -27.57
CA SER A 65 -2.75 11.09 -28.57
C SER A 65 -1.30 10.58 -28.73
N GLY A 66 -1.13 9.26 -28.75
CA GLY A 66 0.21 8.67 -28.93
C GLY A 66 1.04 8.80 -27.68
N ASP A 67 0.39 9.32 -26.66
CA ASP A 67 1.00 9.48 -25.35
C ASP A 67 0.34 8.54 -24.35
N TYR A 68 0.96 8.44 -23.17
CA TYR A 68 0.49 7.54 -22.13
C TYR A 68 0.41 8.33 -20.83
N TYR A 69 -0.75 8.30 -20.18
CA TYR A 69 -1.01 9.12 -19.00
C TYR A 69 -1.22 8.27 -17.75
N ILE A 70 -0.55 8.67 -16.67
CA ILE A 70 -0.71 8.09 -15.32
C ILE A 70 -0.44 9.16 -14.26
N GLY A 71 -1.39 9.37 -13.36
CA GLY A 71 -1.28 10.37 -12.28
C GLY A 71 -1.10 11.78 -12.82
N GLY A 72 -1.71 12.09 -13.96
CA GLY A 72 -1.60 13.40 -14.63
C GLY A 72 -0.29 13.67 -15.36
N ARG A 73 0.74 12.82 -15.20
CA ARG A 73 2.06 12.96 -15.86
C ARG A 73 1.91 12.33 -17.24
N ARG A 74 2.60 12.88 -18.23
CA ARG A 74 2.43 12.40 -19.61
C ARG A 74 3.68 11.70 -20.10
N PHE A 75 3.52 10.59 -20.83
CA PHE A 75 4.66 9.78 -21.34
C PHE A 75 4.44 9.36 -22.79
N SER A 76 5.55 9.28 -23.53
CA SER A 76 5.61 8.91 -24.97
C SER A 76 5.63 7.42 -25.21
N SER A 77 5.94 6.60 -24.20
CA SER A 77 5.95 5.16 -24.40
C SER A 77 5.73 4.54 -23.04
N LEU A 78 5.22 3.31 -23.05
CA LEU A 78 5.14 2.56 -21.79
C LEU A 78 6.51 2.42 -21.14
N SER A 79 7.56 2.25 -21.95
CA SER A 79 8.91 2.15 -21.42
C SER A 79 9.34 3.43 -20.71
N ASP A 80 9.03 4.59 -21.29
CA ASP A 80 9.33 5.86 -20.63
C ASP A 80 8.62 5.97 -19.29
N LEU A 81 7.37 5.50 -19.22
CA LEU A 81 6.59 5.57 -17.99
C LEU A 81 7.24 4.73 -16.89
N ILE A 82 7.58 3.49 -17.21
CA ILE A 82 8.30 2.63 -16.25
C ILE A 82 9.60 3.30 -15.84
N GLY A 83 10.34 3.84 -16.80
CA GLY A 83 11.61 4.48 -16.46
C GLY A 83 11.43 5.62 -15.47
N TYR A 84 10.38 6.42 -15.64
CA TYR A 84 10.23 7.59 -14.77
C TYR A 84 9.96 7.16 -13.33
N TYR A 85 9.03 6.25 -13.12
CA TYR A 85 8.71 5.81 -11.77
C TYR A 85 9.70 4.82 -11.21
N SER A 86 10.76 4.52 -11.94
CA SER A 86 11.88 3.74 -11.43
C SER A 86 13.06 4.60 -11.02
N HIS A 87 13.33 5.68 -11.75
CA HIS A 87 14.59 6.39 -11.63
C HIS A 87 14.48 7.87 -11.33
N VAL A 88 13.30 8.48 -11.48
CA VAL A 88 13.16 9.91 -11.30
C VAL A 88 12.41 10.23 -10.02
N SER A 89 11.20 9.70 -9.92
CA SER A 89 10.44 9.97 -8.70
C SER A 89 9.59 8.78 -8.34
N SER A 90 9.19 8.75 -7.10
CA SER A 90 8.28 7.69 -6.61
C SER A 90 6.90 7.95 -7.19
N LEU A 91 5.96 7.05 -7.01
CA LEU A 91 4.60 7.34 -7.50
C LEU A 91 3.92 8.29 -6.51
N GLY A 94 4.03 7.93 -1.50
CA GLY A 94 4.85 7.74 -2.71
C GLY A 94 5.58 6.40 -2.69
N GLU A 95 5.12 5.40 -3.43
CA GLU A 95 5.89 4.13 -3.50
C GLU A 95 6.72 4.06 -4.79
N LYS A 96 7.77 3.25 -4.77
CA LYS A 96 8.79 3.14 -5.86
C LYS A 96 8.79 1.80 -6.61
N LEU A 97 8.94 1.86 -7.94
CA LEU A 97 9.09 0.63 -8.75
C LEU A 97 10.50 0.10 -8.47
N LEU A 98 10.63 -1.18 -8.13
CA LEU A 98 11.96 -1.72 -7.78
C LEU A 98 12.28 -3.01 -8.55
N TYR A 99 11.33 -3.92 -8.66
CA TYR A 99 11.64 -5.24 -9.21
C TYR A 99 10.70 -5.56 -10.37
N PRO A 100 11.17 -5.43 -11.61
CA PRO A 100 10.36 -5.77 -12.75
C PRO A 100 10.13 -7.28 -12.72
N VAL A 101 8.89 -7.69 -12.87
CA VAL A 101 8.53 -9.13 -12.90
C VAL A 101 8.35 -9.57 -14.34
N ALA A 102 9.26 -10.43 -14.81
CA ALA A 102 9.24 -10.95 -16.20
C ALA A 102 8.15 -12.01 -16.35
N PRO A 103 7.63 -12.25 -17.57
CA PRO A 103 6.61 -13.28 -17.80
C PRO A 103 7.24 -14.67 -17.58
N PRO A 104 6.49 -15.70 -17.13
CA PRO A 104 7.08 -17.01 -16.86
C PRO A 104 7.72 -17.56 -18.13
N GLU A 105 8.94 -18.10 -18.00
CA GLU A 105 9.70 -18.64 -19.13
C GLU A 105 8.94 -19.82 -19.73
N PRO A 106 9.17 -20.17 -21.00
CA PRO A 106 8.52 -21.32 -21.57
C PRO A 106 8.95 -22.57 -20.78
N VAL A 107 8.00 -23.47 -20.64
CA VAL A 107 8.20 -24.71 -19.83
C VAL A 107 9.15 -25.68 -20.54
N GLU A 108 9.72 -26.57 -19.74
CA GLU A 108 10.62 -27.58 -20.35
C GLU A 108 9.71 -28.58 -21.07
N ASP A 109 9.74 -28.52 -22.40
CA ASP A 109 9.05 -29.50 -23.25
C ASP A 109 9.02 -30.95 -22.75
N THR B 7 -11.68 -3.00 16.41
CA THR B 7 -12.47 -4.08 15.78
C THR B 7 -13.83 -3.54 15.34
N ASN B 8 -14.48 -4.21 14.41
CA ASN B 8 -15.84 -3.78 13.99
C ASN B 8 -15.80 -2.30 13.64
N GLN B 9 -14.76 -1.88 12.92
CA GLN B 9 -14.57 -0.47 12.57
C GLN B 9 -15.32 -0.08 11.29
N TRP B 10 -16.13 -0.97 10.76
CA TRP B 10 -16.91 -0.78 9.55
C TRP B 10 -18.36 -0.41 9.87
N TYR B 11 -18.71 -0.07 11.11
CA TYR B 11 -20.12 0.26 11.37
C TYR B 11 -20.32 1.77 11.36
N HIS B 12 -21.16 2.25 10.46
CA HIS B 12 -21.38 3.68 10.31
C HIS B 12 -22.72 4.16 10.82
N GLY B 13 -23.51 3.31 11.47
CA GLY B 13 -24.82 3.78 11.88
C GLY B 13 -25.69 4.20 10.70
N LYS B 14 -26.58 5.17 10.94
CA LYS B 14 -27.47 5.61 9.89
C LYS B 14 -26.70 6.47 8.88
N LEU B 15 -26.71 6.04 7.62
CA LEU B 15 -25.94 6.68 6.57
C LEU B 15 -26.64 6.43 5.25
N ASP B 16 -26.80 7.48 4.44
CA ASP B 16 -27.47 7.31 3.16
C ASP B 16 -26.52 6.76 2.10
N ARG B 17 -27.10 6.43 0.95
CA ARG B 17 -26.37 5.77 -0.13
C ARG B 17 -25.28 6.67 -0.71
N THR B 18 -25.58 7.96 -0.89
CA THR B 18 -24.60 8.81 -1.56
C THR B 18 -23.33 8.95 -0.73
N ILE B 19 -23.49 9.18 0.58
CA ILE B 19 -22.34 9.33 1.47
C ILE B 19 -21.62 8.01 1.62
N ALA B 20 -22.37 6.90 1.66
CA ALA B 20 -21.72 5.59 1.73
C ALA B 20 -20.73 5.42 0.57
N GLU B 21 -21.15 5.76 -0.65
CA GLU B 21 -20.29 5.66 -1.83
C GLU B 21 -19.13 6.65 -1.78
N GLU B 22 -19.39 7.87 -1.32
CA GLU B 22 -18.29 8.82 -1.11
C GLU B 22 -17.23 8.25 -0.16
N ARG B 23 -17.66 7.62 0.95
CA ARG B 23 -16.69 7.09 1.90
C ARG B 23 -15.89 5.92 1.31
N LEU B 24 -16.55 5.07 0.54
CA LEU B 24 -15.86 3.93 -0.06
C LEU B 24 -14.90 4.37 -1.16
N ARG B 25 -15.30 5.36 -1.96
CA ARG B 25 -14.42 5.82 -3.01
C ARG B 25 -13.22 6.58 -2.47
N GLN B 26 -13.38 7.28 -1.33
CA GLN B 26 -12.21 7.85 -0.67
C GLN B 26 -11.20 6.76 -0.35
N ALA B 27 -11.66 5.63 0.18
CA ALA B 27 -10.73 4.52 0.45
C ALA B 27 -10.04 4.05 -0.82
N GLY B 28 -10.82 3.80 -1.87
CA GLY B 28 -10.27 3.65 -3.21
C GLY B 28 -9.88 2.26 -3.66
N LYS B 29 -9.86 1.27 -2.77
CA LYS B 29 -9.41 -0.06 -3.14
C LYS B 29 -10.57 -1.01 -3.29
N SER B 30 -10.54 -1.82 -4.35
CA SER B 30 -11.51 -2.89 -4.49
C SER B 30 -11.42 -3.77 -3.24
N GLY B 31 -12.58 -4.21 -2.75
CA GLY B 31 -12.63 -4.93 -1.49
C GLY B 31 -12.93 -4.09 -0.27
N SER B 32 -12.99 -2.77 -0.40
CA SER B 32 -13.36 -1.91 0.71
C SER B 32 -14.86 -2.01 0.99
N TYR B 33 -15.24 -1.96 2.27
CA TYR B 33 -16.65 -2.16 2.61
C TYR B 33 -17.02 -1.44 3.90
N LEU B 34 -18.34 -1.24 4.08
CA LEU B 34 -18.90 -0.75 5.33
C LEU B 34 -20.32 -1.27 5.48
N ILE B 35 -20.81 -1.24 6.72
CA ILE B 35 -22.20 -1.52 7.03
C ILE B 35 -22.83 -0.25 7.59
N ARG B 36 -24.05 0.03 7.15
CA ARG B 36 -24.84 1.16 7.61
C ARG B 36 -26.29 0.73 7.85
N GLU B 37 -26.96 1.52 8.67
CA GLU B 37 -28.42 1.40 8.88
C GLU B 37 -28.99 2.16 7.70
N SER B 38 -29.92 1.58 6.95
CA SER B 38 -30.46 2.22 5.74
C SER B 38 -31.11 3.57 6.03
N ASP B 39 -30.91 4.53 5.14
CA ASP B 39 -31.62 5.82 5.25
C ASP B 39 -33.11 5.62 4.95
N ARG B 40 -33.39 4.84 3.90
CA ARG B 40 -34.77 4.60 3.41
C ARG B 40 -35.63 3.80 4.39
N ARG B 41 -35.06 2.76 4.98
CA ARG B 41 -35.80 1.82 5.86
C ARG B 41 -35.08 1.70 7.19
N PRO B 42 -35.33 2.60 8.15
CA PRO B 42 -34.66 2.53 9.43
C PRO B 42 -35.02 1.18 10.07
N GLY B 43 -34.05 0.52 10.70
CA GLY B 43 -34.26 -0.81 11.31
C GLY B 43 -33.71 -1.94 10.46
N SER B 44 -33.48 -1.70 9.18
CA SER B 44 -32.78 -2.66 8.27
C SER B 44 -31.41 -2.06 7.92
N PHE B 45 -30.49 -2.90 7.45
CA PHE B 45 -29.07 -2.49 7.27
C PHE B 45 -28.55 -2.71 5.85
N VAL B 46 -27.43 -2.07 5.53
CA VAL B 46 -26.83 -2.28 4.19
C VAL B 46 -25.32 -2.55 4.28
N LEU B 47 -24.85 -3.52 3.52
CA LEU B 47 -23.42 -3.76 3.38
C LEU B 47 -23.05 -3.09 2.06
N SER B 48 -22.36 -1.96 2.10
CA SER B 48 -21.91 -1.25 0.89
C SER B 48 -20.47 -1.67 0.61
N PHE B 49 -20.22 -2.07 -0.62
CA PHE B 49 -18.94 -2.67 -1.03
C PHE B 49 -18.40 -2.05 -2.32
N LEU B 50 -17.14 -1.66 -2.35
CA LEU B 50 -16.55 -1.14 -3.59
C LEU B 50 -15.93 -2.31 -4.34
N SER B 51 -16.43 -2.62 -5.51
CA SER B 51 -15.91 -3.73 -6.35
C SER B 51 -14.88 -3.22 -7.36
N GLN B 52 -14.56 -4.01 -8.38
CA GLN B 52 -13.62 -3.62 -9.45
C GLN B 52 -14.26 -2.60 -10.41
N MET B 53 -13.43 -1.83 -11.12
CA MET B 53 -13.88 -0.80 -12.09
C MET B 53 -14.84 0.22 -11.47
N ASN B 54 -14.56 0.68 -10.26
CA ASN B 54 -15.29 1.77 -9.58
C ASN B 54 -16.78 1.49 -9.45
N VAL B 55 -17.19 0.26 -9.15
CA VAL B 55 -18.63 -0.04 -8.98
C VAL B 55 -18.88 -0.27 -7.49
N VAL B 56 -19.82 0.41 -6.89
CA VAL B 56 -20.16 0.21 -5.47
C VAL B 56 -21.39 -0.69 -5.42
N ASN B 57 -21.38 -1.66 -4.53
CA ASN B 57 -22.48 -2.63 -4.41
C ASN B 57 -23.21 -2.35 -3.11
N HIS B 58 -24.52 -2.45 -3.10
CA HIS B 58 -25.19 -2.24 -1.81
C HIS B 58 -26.01 -3.51 -1.58
N PHE B 59 -25.80 -4.19 -0.44
CA PHE B 59 -26.54 -5.43 -0.17
C PHE B 59 -27.43 -5.25 1.04
N ARG B 60 -28.69 -5.57 0.86
CA ARG B 60 -29.66 -5.38 1.96
C ARG B 60 -29.49 -6.44 3.05
N ILE B 61 -29.69 -6.02 4.28
CA ILE B 61 -29.62 -6.94 5.44
C ILE B 61 -30.86 -6.74 6.30
N ILE B 62 -31.63 -7.81 6.49
CA ILE B 62 -32.85 -7.80 7.32
C ILE B 62 -32.51 -8.41 8.67
N ALA B 63 -32.88 -7.71 9.74
CA ALA B 63 -32.69 -8.15 11.12
C ALA B 63 -33.99 -8.62 11.75
N MET B 64 -34.00 -9.85 12.30
CA MET B 64 -35.19 -10.37 12.99
C MET B 64 -34.78 -11.06 14.29
N SER B 65 -35.03 -10.40 15.42
CA SER B 65 -34.87 -10.98 16.76
C SER B 65 -33.53 -11.71 16.90
N GLY B 66 -32.45 -11.03 16.49
CA GLY B 66 -31.13 -11.59 16.56
C GLY B 66 -30.67 -12.44 15.39
N ASP B 67 -31.49 -12.64 14.38
CA ASP B 67 -31.00 -13.21 13.12
C ASP B 67 -30.89 -12.10 12.10
N TYR B 68 -29.93 -12.26 11.19
CA TYR B 68 -29.63 -11.25 10.16
C TYR B 68 -29.53 -11.95 8.82
N TYR B 69 -30.30 -11.46 7.86
CA TYR B 69 -30.43 -12.15 6.59
C TYR B 69 -29.82 -11.27 5.50
N ILE B 70 -28.96 -11.87 4.69
CA ILE B 70 -28.42 -11.22 3.51
C ILE B 70 -28.49 -12.25 2.38
N GLY B 71 -29.17 -11.89 1.30
CA GLY B 71 -29.40 -12.84 0.22
C GLY B 71 -30.01 -14.14 0.71
N GLY B 72 -30.80 -13.99 1.77
CA GLY B 72 -31.54 -15.07 2.42
C GLY B 72 -30.63 -15.89 3.30
N ARG B 73 -29.30 -15.68 3.27
CA ARG B 73 -28.36 -16.40 4.15
C ARG B 73 -28.53 -15.85 5.56
N ARG B 74 -28.31 -16.69 6.56
CA ARG B 74 -28.55 -16.24 7.94
C ARG B 74 -27.27 -16.20 8.77
N PHE B 75 -27.12 -15.11 9.54
CA PHE B 75 -26.04 -14.94 10.52
C PHE B 75 -26.63 -14.45 11.83
N SER B 76 -25.89 -14.69 12.91
CA SER B 76 -26.37 -14.31 14.24
C SER B 76 -26.02 -12.88 14.63
N SER B 77 -25.17 -12.23 13.86
CA SER B 77 -24.82 -10.83 14.10
C SER B 77 -24.27 -10.25 12.80
N LEU B 78 -24.35 -8.93 12.70
CA LEU B 78 -23.68 -8.24 11.61
C LEU B 78 -22.19 -8.56 11.59
N SER B 79 -21.57 -8.66 12.76
CA SER B 79 -20.15 -8.97 12.84
C SER B 79 -19.86 -10.37 12.30
N ASP B 80 -20.71 -11.36 12.63
CA ASP B 80 -20.53 -12.70 12.06
C ASP B 80 -20.63 -12.68 10.54
N LEU B 81 -21.54 -11.86 10.02
CA LEU B 81 -21.74 -11.75 8.59
C LEU B 81 -20.47 -11.22 7.92
N ILE B 82 -19.90 -10.14 8.47
CA ILE B 82 -18.62 -9.63 7.96
C ILE B 82 -17.54 -10.70 8.02
N GLY B 83 -17.45 -11.44 9.14
CA GLY B 83 -16.45 -12.49 9.26
C GLY B 83 -16.57 -13.56 8.19
N TYR B 84 -17.81 -13.96 7.88
CA TYR B 84 -18.02 -15.01 6.89
C TYR B 84 -17.57 -14.57 5.51
N TYR B 85 -17.98 -13.40 5.07
CA TYR B 85 -17.59 -12.93 3.74
C TYR B 85 -16.19 -12.33 3.71
N SER B 86 -15.47 -12.32 4.83
CA SER B 86 -14.06 -11.94 4.87
C SER B 86 -13.14 -13.13 4.86
N HIS B 87 -13.53 -14.22 5.54
CA HIS B 87 -12.64 -15.32 5.82
C HIS B 87 -13.15 -16.67 5.35
N VAL B 88 -14.44 -16.81 5.02
CA VAL B 88 -15.03 -18.10 4.69
C VAL B 88 -15.39 -18.19 3.22
N SER B 89 -16.09 -17.19 2.68
CA SER B 89 -16.66 -17.35 1.35
C SER B 89 -16.67 -16.02 0.61
N SER B 90 -16.69 -16.12 -0.72
CA SER B 90 -16.85 -14.92 -1.54
C SER B 90 -18.25 -14.35 -1.36
N LEU B 91 -18.34 -13.04 -1.57
CA LEU B 91 -19.60 -12.28 -1.49
C LEU B 91 -20.14 -12.02 -2.90
N LEU B 92 -19.34 -11.49 -3.83
CA LEU B 92 -19.89 -11.26 -5.19
C LEU B 92 -18.86 -11.64 -6.26
N LYS B 93 -19.21 -12.51 -7.22
CA LYS B 93 -18.35 -12.89 -8.37
C LYS B 93 -16.95 -13.22 -7.88
N GLY B 94 -16.91 -13.99 -6.84
CA GLY B 94 -15.66 -14.39 -6.23
C GLY B 94 -14.82 -13.24 -5.70
N GLU B 95 -15.44 -12.21 -5.16
CA GLU B 95 -14.73 -11.14 -4.48
C GLU B 95 -15.05 -11.24 -2.99
N LYS B 96 -14.06 -10.91 -2.17
CA LYS B 96 -14.16 -11.02 -0.73
C LYS B 96 -14.02 -9.65 -0.09
N LEU B 97 -14.49 -9.57 1.15
CA LEU B 97 -14.25 -8.38 1.96
C LEU B 97 -12.78 -8.31 2.35
N LEU B 98 -12.14 -7.18 2.07
CA LEU B 98 -10.71 -7.04 2.32
C LEU B 98 -10.41 -5.88 3.25
N TYR B 99 -11.00 -4.71 3.02
CA TYR B 99 -10.61 -3.50 3.75
C TYR B 99 -11.81 -2.85 4.41
N PRO B 100 -11.94 -3.01 5.74
CA PRO B 100 -12.99 -2.28 6.46
C PRO B 100 -12.71 -0.78 6.47
N VAL B 101 -13.72 -0.01 6.10
CA VAL B 101 -13.65 1.44 6.08
C VAL B 101 -14.33 1.98 7.33
N ALA B 102 -13.57 2.71 8.14
CA ALA B 102 -14.06 3.29 9.38
C ALA B 102 -14.77 4.61 9.14
N PRO B 103 -15.71 4.96 10.02
CA PRO B 103 -16.35 6.28 9.94
C PRO B 103 -15.33 7.37 10.17
N PRO B 104 -15.58 8.59 9.67
CA PRO B 104 -14.61 9.68 9.84
C PRO B 104 -14.29 9.94 11.29
N GLU B 105 -13.01 10.12 11.53
CA GLU B 105 -12.58 10.48 12.89
C GLU B 105 -13.16 11.86 13.17
N PRO B 106 -13.38 12.24 14.43
CA PRO B 106 -13.89 13.57 14.70
C PRO B 106 -12.89 14.61 14.19
N VAL B 107 -13.40 15.67 13.60
CA VAL B 107 -12.54 16.75 13.04
C VAL B 107 -11.74 17.40 14.16
N GLU B 108 -10.51 17.85 13.86
CA GLU B 108 -9.72 18.61 14.86
C GLU B 108 -10.60 19.79 15.28
N ASP B 109 -10.88 19.96 16.56
CA ASP B 109 -11.76 21.08 16.97
C ASP B 109 -11.17 22.43 16.55
N THR C 7 24.02 -8.22 24.66
CA THR C 7 23.17 -9.36 24.22
C THR C 7 21.81 -8.85 23.77
N ASN C 8 21.25 -9.49 22.76
CA ASN C 8 19.91 -9.21 22.23
C ASN C 8 19.85 -7.75 21.77
N GLN C 9 20.97 -7.22 21.27
CA GLN C 9 21.03 -5.81 20.81
C GLN C 9 20.25 -5.61 19.51
N TRP C 10 19.82 -6.69 18.90
CA TRP C 10 19.11 -6.67 17.60
C TRP C 10 17.62 -6.32 17.76
N TYR C 11 17.15 -6.05 18.97
CA TYR C 11 15.72 -5.74 19.18
C TYR C 11 15.47 -4.22 19.11
N HIS C 12 14.70 -3.76 18.15
CA HIS C 12 14.44 -2.32 17.95
C HIS C 12 13.04 -1.93 18.41
N GLY C 13 12.31 -2.84 19.02
CA GLY C 13 10.94 -2.55 19.44
C GLY C 13 10.02 -2.24 18.27
N LYS C 14 9.03 -1.38 18.48
CA LYS C 14 8.12 -1.08 17.38
C LYS C 14 8.88 -0.17 16.43
N LEU C 15 9.06 -0.62 15.22
CA LEU C 15 9.78 0.20 14.23
C LEU C 15 9.11 0.02 12.88
N ASP C 16 8.96 1.11 12.16
CA ASP C 16 8.34 1.04 10.83
C ASP C 16 9.33 0.40 9.84
N ARG C 17 8.81 -0.04 8.71
CA ARG C 17 9.62 -0.70 7.65
C ARG C 17 10.69 0.23 7.10
N THR C 18 10.39 1.49 6.84
CA THR C 18 11.38 2.43 6.25
C THR C 18 12.58 2.66 7.17
N ILE C 19 12.33 2.87 8.45
CA ILE C 19 13.45 3.09 9.39
C ILE C 19 14.25 1.79 9.53
N ALA C 20 13.58 0.65 9.59
CA ALA C 20 14.33 -0.61 9.62
C ALA C 20 15.25 -0.74 8.42
N GLU C 21 14.74 -0.43 7.24
CA GLU C 21 15.57 -0.53 6.04
C GLU C 21 16.72 0.47 6.07
N GLU C 22 16.46 1.70 6.54
CA GLU C 22 17.53 2.68 6.73
C GLU C 22 18.61 2.15 7.67
N ARG C 23 18.21 1.58 8.82
CA ARG C 23 19.19 1.12 9.78
C ARG C 23 20.04 -0.05 9.24
N LEU C 24 19.42 -0.95 8.47
CA LEU C 24 20.18 -2.07 7.90
C LEU C 24 21.07 -1.60 6.75
N ARG C 25 20.59 -0.67 5.94
CA ARG C 25 21.43 -0.21 4.83
C ARG C 25 22.60 0.61 5.36
N GLN C 26 22.42 1.28 6.51
CA GLN C 26 23.54 1.94 7.17
C GLN C 26 24.61 0.93 7.57
N ALA C 27 24.21 -0.21 8.13
CA ALA C 27 25.17 -1.27 8.42
C ALA C 27 25.89 -1.69 7.14
N GLY C 28 25.13 -1.96 6.07
CA GLY C 28 25.72 -2.07 4.75
C GLY C 28 26.18 -3.46 4.34
N LYS C 29 26.19 -4.42 5.26
CA LYS C 29 26.71 -5.75 4.99
C LYS C 29 25.58 -6.75 4.84
N SER C 30 25.63 -7.55 3.78
CA SER C 30 24.69 -8.66 3.67
C SER C 30 24.86 -9.56 4.89
N GLY C 31 23.75 -10.05 5.42
CA GLY C 31 23.78 -10.75 6.68
C GLY C 31 23.48 -9.88 7.89
N SER C 32 23.37 -8.57 7.71
CA SER C 32 22.94 -7.71 8.81
C SER C 32 21.45 -7.88 9.07
N TYR C 33 21.05 -7.87 10.35
CA TYR C 33 19.67 -8.19 10.69
C TYR C 33 19.23 -7.47 11.96
N LEU C 34 17.91 -7.36 12.12
CA LEU C 34 17.31 -6.90 13.37
C LEU C 34 15.91 -7.49 13.47
N ILE C 35 15.39 -7.47 14.70
CA ILE C 35 13.99 -7.82 14.96
C ILE C 35 13.27 -6.56 15.43
N ARG C 36 12.10 -6.33 14.87
CA ARG C 36 11.22 -5.26 15.29
C ARG C 36 9.83 -5.82 15.50
N GLU C 37 9.08 -5.15 16.35
CA GLU C 37 7.65 -5.46 16.47
C GLU C 37 6.99 -4.71 15.33
N SER C 38 6.08 -5.33 14.60
CA SER C 38 5.45 -4.60 13.47
C SER C 38 4.55 -3.48 13.97
N ASP C 39 4.74 -2.26 13.49
CA ASP C 39 3.84 -1.13 13.88
C ASP C 39 2.45 -1.35 13.25
N ARG C 40 2.41 -1.90 12.04
CA ARG C 40 1.20 -2.24 11.26
C ARG C 40 0.44 -3.44 11.81
N ARG C 41 1.14 -4.44 12.33
CA ARG C 41 0.48 -5.65 12.89
C ARG C 41 1.03 -5.88 14.29
N PRO C 42 0.56 -5.12 15.30
CA PRO C 42 1.10 -5.23 16.64
C PRO C 42 0.91 -6.64 17.21
N GLY C 43 1.86 -7.08 18.02
CA GLY C 43 1.79 -8.42 18.59
C GLY C 43 2.43 -9.45 17.68
N SER C 44 2.86 -9.01 16.49
CA SER C 44 3.63 -9.84 15.55
C SER C 44 4.98 -9.14 15.31
N PHE C 45 5.93 -9.86 14.77
CA PHE C 45 7.28 -9.37 14.66
C PHE C 45 7.80 -9.57 13.25
N VAL C 46 8.89 -8.89 12.97
CA VAL C 46 9.54 -8.96 11.68
C VAL C 46 11.02 -9.15 11.89
N LEU C 47 11.59 -10.13 11.22
CA LEU C 47 13.03 -10.23 11.06
C LEU C 47 13.38 -9.50 9.77
N SER C 48 13.97 -8.32 9.88
CA SER C 48 14.40 -7.56 8.71
C SER C 48 15.86 -7.87 8.48
N PHE C 49 16.21 -8.19 7.22
CA PHE C 49 17.47 -8.82 6.89
C PHE C 49 17.99 -8.21 5.60
N LEU C 50 19.21 -7.71 5.62
CA LEU C 50 19.86 -7.18 4.43
C LEU C 50 20.51 -8.32 3.67
N SER C 51 19.95 -8.66 2.51
CA SER C 51 20.39 -9.72 1.65
C SER C 51 21.38 -9.15 0.62
N GLN C 52 21.71 -9.95 -0.38
CA GLN C 52 22.62 -9.52 -1.45
C GLN C 52 21.92 -8.52 -2.38
N MET C 53 22.74 -7.75 -3.13
CA MET C 53 22.23 -6.86 -4.18
C MET C 53 21.27 -5.80 -3.65
N ASN C 54 21.52 -5.32 -2.43
CA ASN C 54 20.77 -4.20 -1.84
C ASN C 54 19.28 -4.53 -1.69
N VAL C 55 18.98 -5.77 -1.33
CA VAL C 55 17.62 -6.20 -1.07
C VAL C 55 17.47 -6.42 0.42
N VAL C 56 16.49 -5.74 1.03
CA VAL C 56 16.12 -5.99 2.41
C VAL C 56 14.90 -6.88 2.39
N ASN C 57 14.98 -8.00 3.11
CA ASN C 57 13.88 -8.94 3.25
C ASN C 57 13.23 -8.73 4.62
N HIS C 58 11.93 -8.99 4.69
CA HIS C 58 11.18 -8.82 5.92
C HIS C 58 10.40 -10.11 6.16
N PHE C 59 10.83 -10.89 7.13
CA PHE C 59 10.24 -12.17 7.42
C PHE C 59 9.28 -12.06 8.60
N ARG C 60 8.03 -12.48 8.39
CA ARG C 60 7.03 -12.45 9.45
C ARG C 60 7.38 -13.42 10.57
N ILE C 61 7.22 -12.97 11.81
CA ILE C 61 7.35 -13.83 12.97
C ILE C 61 6.04 -13.71 13.73
N ILE C 62 5.32 -14.81 13.84
CA ILE C 62 4.00 -14.83 14.41
C ILE C 62 4.15 -15.32 15.84
N ALA C 63 3.50 -14.64 16.77
CA ALA C 63 3.48 -15.05 18.17
C ALA C 63 2.16 -15.75 18.41
N MET C 64 2.22 -17.07 18.46
CA MET C 64 0.99 -17.86 18.60
C MET C 64 1.11 -18.64 19.88
N SER C 65 0.10 -18.48 20.71
CA SER C 65 0.14 -19.05 22.07
C SER C 65 1.41 -18.49 22.73
N GLY C 66 2.27 -19.31 23.30
CA GLY C 66 3.46 -18.72 23.93
C GLY C 66 4.70 -18.85 23.08
N ASP C 67 4.55 -19.21 21.81
CA ASP C 67 5.71 -19.50 20.93
C ASP C 67 5.78 -18.56 19.74
N TYR C 68 6.85 -18.67 18.96
CA TYR C 68 7.11 -17.76 17.85
C TYR C 68 7.44 -18.57 16.60
N TYR C 69 6.74 -18.29 15.50
CA TYR C 69 6.83 -19.07 14.26
C TYR C 69 7.39 -18.26 13.10
N ILE C 70 8.37 -18.83 12.41
CA ILE C 70 8.90 -18.20 11.20
C ILE C 70 9.13 -19.30 10.17
N GLY C 71 8.52 -19.17 9.00
CA GLY C 71 8.60 -20.23 8.01
C GLY C 71 8.12 -21.56 8.55
N GLY C 72 7.06 -21.54 9.37
CA GLY C 72 6.52 -22.75 9.96
C GLY C 72 7.34 -23.40 11.07
N ARG C 73 8.55 -22.91 11.33
CA ARG C 73 9.39 -23.46 12.42
C ARG C 73 9.00 -22.77 13.72
N ARG C 74 8.94 -23.49 14.82
CA ARG C 74 8.45 -22.91 16.10
C ARG C 74 9.59 -22.64 17.08
N PHE C 75 9.55 -21.51 17.76
CA PHE C 75 10.58 -21.16 18.76
C PHE C 75 9.92 -20.71 20.06
N SER C 76 10.60 -20.93 21.18
CA SER C 76 10.10 -20.58 22.53
C SER C 76 10.35 -19.10 22.84
N SER C 77 11.31 -18.50 22.16
CA SER C 77 11.62 -17.06 22.36
C SER C 77 12.22 -16.49 21.10
N LEU C 78 12.19 -15.17 20.99
CA LEU C 78 12.79 -14.46 19.83
C LEU C 78 14.29 -14.71 19.84
N SER C 79 14.90 -14.72 21.02
CA SER C 79 16.32 -15.00 21.20
C SER C 79 16.66 -16.39 20.67
N ASP C 80 15.83 -17.38 20.94
CA ASP C 80 16.07 -18.76 20.45
C ASP C 80 16.01 -18.78 18.93
N LEU C 81 15.07 -18.04 18.37
CA LEU C 81 14.91 -17.95 16.91
C LEU C 81 16.17 -17.33 16.30
N ILE C 82 16.66 -16.24 16.88
CA ILE C 82 17.89 -15.60 16.33
C ILE C 82 19.04 -16.58 16.47
N GLY C 83 19.13 -17.26 17.59
CA GLY C 83 20.19 -18.25 17.78
C GLY C 83 20.12 -19.36 16.74
N TYR C 84 18.93 -19.83 16.40
CA TYR C 84 18.84 -20.95 15.44
C TYR C 84 19.36 -20.55 14.06
N TYR C 85 18.95 -19.40 13.56
CA TYR C 85 19.38 -18.90 12.25
C TYR C 85 20.74 -18.22 12.30
N SER C 86 21.38 -18.17 13.46
CA SER C 86 22.78 -17.77 13.59
C SER C 86 23.73 -18.95 13.71
N HIS C 87 23.32 -20.04 14.36
CA HIS C 87 24.24 -21.11 14.72
C HIS C 87 23.86 -22.49 14.21
N VAL C 88 22.63 -22.70 13.75
CA VAL C 88 22.16 -24.04 13.39
C VAL C 88 22.02 -24.18 11.87
N SER C 89 21.24 -23.31 11.25
CA SER C 89 20.97 -23.44 9.84
C SER C 89 20.67 -22.07 9.24
N SER C 90 20.95 -21.93 7.96
CA SER C 90 20.62 -20.69 7.25
C SER C 90 19.10 -20.52 7.19
N LEU C 91 18.62 -19.48 6.51
CA LEU C 91 17.16 -19.35 6.29
C LEU C 91 16.78 -20.13 5.01
N LEU C 92 15.48 -20.25 4.70
CA LEU C 92 15.07 -21.09 3.54
C LEU C 92 15.95 -20.92 2.30
N LYS C 93 16.14 -19.72 1.75
CA LYS C 93 16.95 -19.55 0.50
C LYS C 93 18.47 -19.56 0.74
N GLY C 94 18.93 -19.93 1.93
CA GLY C 94 20.38 -20.13 2.10
C GLY C 94 21.20 -19.02 2.68
N GLU C 95 20.60 -17.94 3.11
CA GLU C 95 21.48 -16.89 3.68
C GLU C 95 21.41 -16.95 5.21
N LYS C 96 22.52 -16.65 5.89
CA LYS C 96 22.59 -16.73 7.37
C LYS C 96 22.64 -15.35 8.03
N LEU C 97 22.23 -15.31 9.30
CA LEU C 97 22.30 -14.09 10.12
C LEU C 97 23.74 -13.95 10.56
N LEU C 98 24.37 -12.82 10.30
CA LEU C 98 25.80 -12.63 10.69
C LEU C 98 26.02 -11.40 11.57
N TYR C 99 25.33 -10.28 11.31
CA TYR C 99 25.64 -9.05 12.01
C TYR C 99 24.37 -8.47 12.63
N PRO C 100 24.19 -8.62 13.94
CA PRO C 100 23.07 -7.95 14.60
C PRO C 100 23.29 -6.45 14.58
N VAL C 101 22.26 -5.72 14.14
CA VAL C 101 22.29 -4.26 14.10
C VAL C 101 21.56 -3.76 15.35
N ALA C 102 22.24 -3.02 16.14
CA ALA C 102 21.67 -2.45 17.37
C ALA C 102 21.00 -1.13 17.08
N PRO C 103 20.03 -0.71 17.90
CA PRO C 103 19.45 0.62 17.72
C PRO C 103 20.49 1.69 17.94
N PRO C 104 20.30 2.86 17.33
CA PRO C 104 21.25 3.90 17.44
C PRO C 104 21.41 4.21 18.93
N GLU C 105 22.64 4.58 19.31
CA GLU C 105 22.92 4.99 20.70
C GLU C 105 22.29 6.36 20.94
N PRO C 106 22.01 6.76 22.19
CA PRO C 106 21.47 8.08 22.44
C PRO C 106 22.45 9.17 21.97
N VAL C 107 21.89 10.26 21.47
CA VAL C 107 22.70 11.40 20.95
C VAL C 107 23.49 12.04 22.09
N GLU C 108 24.71 12.51 21.82
CA GLU C 108 25.52 13.15 22.89
C GLU C 108 24.72 14.34 23.37
N ASP C 109 24.38 14.39 24.66
CA ASP C 109 23.54 15.44 25.29
C ASP C 109 23.95 16.85 24.83
N GLN D 9 -5.15 21.49 -5.69
CA GLN D 9 -6.51 21.50 -6.25
C GLN D 9 -7.48 21.78 -5.11
N TRP D 10 -8.43 22.68 -5.35
CA TRP D 10 -9.47 23.03 -4.36
C TRP D 10 -10.82 23.13 -5.06
N TYR D 11 -10.86 22.79 -6.34
CA TYR D 11 -12.09 22.91 -7.11
C TYR D 11 -12.79 21.57 -7.21
N HIS D 12 -14.00 21.48 -6.65
CA HIS D 12 -14.74 20.23 -6.61
C HIS D 12 -15.88 20.19 -7.62
N GLY D 13 -15.96 21.17 -8.51
CA GLY D 13 -17.05 21.19 -9.46
C GLY D 13 -18.40 21.30 -8.81
N LYS D 14 -19.41 20.76 -9.47
CA LYS D 14 -20.77 20.80 -8.97
C LYS D 14 -20.86 19.79 -7.83
N LEU D 15 -21.18 20.27 -6.64
CA LEU D 15 -21.13 19.37 -5.51
C LEU D 15 -22.18 19.80 -4.50
N ASP D 16 -22.96 18.85 -4.01
CA ASP D 16 -24.01 19.30 -3.12
C ASP D 16 -23.44 19.61 -1.75
N ARG D 17 -24.28 20.21 -0.91
CA ARG D 17 -23.82 20.73 0.37
C ARG D 17 -23.34 19.61 1.30
N THR D 18 -24.07 18.48 1.34
CA THR D 18 -23.71 17.43 2.30
C THR D 18 -22.39 16.76 1.96
N ILE D 19 -22.12 16.49 0.68
CA ILE D 19 -20.84 15.89 0.31
C ILE D 19 -19.69 16.86 0.54
N ALA D 20 -19.89 18.16 0.27
CA ALA D 20 -18.84 19.13 0.60
C ALA D 20 -18.50 19.07 2.08
N GLU D 21 -19.51 19.02 2.94
CA GLU D 21 -19.25 18.95 4.38
C GLU D 21 -18.53 17.66 4.74
N GLU D 22 -18.92 16.54 4.11
CA GLU D 22 -18.22 15.27 4.34
C GLU D 22 -16.75 15.37 3.98
N ARG D 23 -16.44 15.95 2.82
CA ARG D 23 -15.06 16.03 2.36
C ARG D 23 -14.22 16.95 3.24
N LEU D 24 -14.80 18.04 3.73
CA LEU D 24 -14.06 18.92 4.62
C LEU D 24 -13.86 18.29 5.99
N ARG D 25 -14.88 17.58 6.50
CA ARG D 25 -14.73 16.96 7.80
C ARG D 25 -13.75 15.79 7.75
N GLN D 26 -13.68 15.10 6.60
CA GLN D 26 -12.64 14.10 6.42
C GLN D 26 -11.26 14.73 6.56
N ALA D 27 -11.07 15.90 5.94
CA ALA D 27 -9.80 16.63 6.07
C ALA D 27 -9.52 16.93 7.53
N GLY D 28 -10.51 17.46 8.24
CA GLY D 28 -10.49 17.52 9.68
C GLY D 28 -9.88 18.76 10.30
N LYS D 29 -9.20 19.60 9.53
CA LYS D 29 -8.49 20.74 10.11
C LYS D 29 -9.31 22.00 9.86
N SER D 30 -9.53 22.78 10.92
CA SER D 30 -10.16 24.08 10.73
C SER D 30 -9.26 24.94 9.83
N GLY D 31 -9.87 25.69 8.92
CA GLY D 31 -9.11 26.37 7.89
C GLY D 31 -9.06 25.60 6.58
N SER D 32 -9.56 24.37 6.58
CA SER D 32 -9.70 23.60 5.36
C SER D 32 -10.84 24.18 4.52
N TYR D 33 -10.67 24.16 3.21
CA TYR D 33 -11.63 24.82 2.37
C TYR D 33 -11.69 24.15 1.01
N LEU D 34 -12.79 24.42 0.32
CA LEU D 34 -12.94 24.04 -1.07
C LEU D 34 -13.92 25.01 -1.72
N ILE D 35 -13.86 25.07 -3.04
CA ILE D 35 -14.82 25.81 -3.84
C ILE D 35 -15.58 24.80 -4.67
N ARG D 36 -16.88 24.95 -4.73
CA ARG D 36 -17.75 24.12 -5.54
C ARG D 36 -18.70 24.99 -6.32
N GLU D 37 -19.19 24.46 -7.43
CA GLU D 37 -20.35 25.04 -8.09
C GLU D 37 -21.59 24.59 -7.34
N SER D 38 -22.48 25.52 -7.05
CA SER D 38 -23.71 25.17 -6.36
C SER D 38 -24.61 24.42 -7.33
N ASP D 39 -25.03 23.21 -6.94
CA ASP D 39 -25.97 22.43 -7.78
C ASP D 39 -27.36 23.08 -7.80
N ARG D 40 -27.79 23.62 -6.66
CA ARG D 40 -29.10 24.28 -6.48
C ARG D 40 -29.14 25.64 -7.18
N ARG D 41 -28.02 26.32 -7.25
CA ARG D 41 -27.98 27.62 -7.97
C ARG D 41 -26.82 27.56 -8.95
N PRO D 42 -26.98 26.79 -10.04
CA PRO D 42 -25.92 26.64 -11.02
C PRO D 42 -25.51 28.01 -11.55
N GLY D 43 -24.22 28.13 -11.82
CA GLY D 43 -23.70 29.40 -12.34
C GLY D 43 -23.25 30.29 -11.20
N SER D 44 -23.46 29.83 -9.98
CA SER D 44 -22.89 30.50 -8.79
C SER D 44 -22.01 29.48 -8.05
N PHE D 45 -21.27 29.96 -7.09
CA PHE D 45 -20.28 29.12 -6.43
C PHE D 45 -20.39 29.28 -4.93
N VAL D 46 -19.77 28.35 -4.22
CA VAL D 46 -19.73 28.41 -2.77
C VAL D 46 -18.30 28.13 -2.32
N LEU D 47 -17.80 28.98 -1.44
CA LEU D 47 -16.58 28.70 -0.68
C LEU D 47 -17.02 27.96 0.56
N SER D 48 -16.75 26.66 0.63
CA SER D 48 -17.06 25.82 1.79
C SER D 48 -15.83 25.72 2.67
N PHE D 49 -16.04 25.97 3.97
CA PHE D 49 -14.94 26.26 4.90
C PHE D 49 -15.22 25.61 6.25
N LEU D 50 -14.26 24.80 6.73
CA LEU D 50 -14.37 24.19 8.04
C LEU D 50 -13.87 25.20 9.07
N SER D 51 -14.78 25.72 9.86
CA SER D 51 -14.44 26.69 10.87
C SER D 51 -14.12 25.95 12.16
N GLN D 52 -13.97 26.68 13.24
CA GLN D 52 -13.72 26.07 14.51
C GLN D 52 -14.98 25.36 15.02
N MET D 53 -14.78 24.41 15.93
CA MET D 53 -15.86 23.76 16.65
C MET D 53 -16.80 22.99 15.71
N ASN D 54 -16.23 22.37 14.68
CA ASN D 54 -16.97 21.46 13.81
C ASN D 54 -18.12 22.18 13.09
N VAL D 55 -17.91 23.44 12.74
CA VAL D 55 -18.89 24.21 12.00
C VAL D 55 -18.33 24.41 10.59
N VAL D 56 -19.11 24.01 9.59
CA VAL D 56 -18.76 24.28 8.21
C VAL D 56 -19.57 25.49 7.77
N ASN D 57 -18.89 26.51 7.25
CA ASN D 57 -19.57 27.67 6.73
C ASN D 57 -19.59 27.60 5.21
N HIS D 58 -20.63 28.19 4.63
CA HIS D 58 -20.82 28.19 3.19
C HIS D 58 -21.04 29.63 2.75
N PHE D 59 -20.05 30.21 2.10
CA PHE D 59 -20.09 31.60 1.66
C PHE D 59 -20.45 31.64 0.19
N ARG D 60 -21.49 32.41 -0.15
CA ARG D 60 -21.93 32.57 -1.54
C ARG D 60 -20.88 33.33 -2.33
N ILE D 61 -20.63 32.87 -3.55
CA ILE D 61 -19.75 33.56 -4.48
C ILE D 61 -20.54 33.74 -5.76
N ILE D 62 -20.73 35.00 -6.16
CA ILE D 62 -21.57 35.35 -7.29
C ILE D 62 -20.68 35.69 -8.47
N ALA D 63 -21.03 35.16 -9.64
CA ALA D 63 -20.34 35.52 -10.87
C ALA D 63 -21.24 36.56 -11.53
N MET D 64 -20.79 37.80 -11.58
CA MET D 64 -21.55 38.88 -12.26
C MET D 64 -20.59 39.60 -13.20
N SER D 65 -20.94 39.74 -14.47
CA SER D 65 -20.08 40.53 -15.40
C SER D 65 -18.64 40.02 -15.47
N GLY D 66 -18.43 38.70 -15.43
CA GLY D 66 -17.08 38.12 -15.57
C GLY D 66 -16.22 38.20 -14.32
N ASP D 67 -16.66 38.90 -13.28
CA ASP D 67 -15.97 38.95 -12.01
C ASP D 67 -16.69 38.06 -11.01
N TYR D 68 -16.09 37.90 -9.83
CA TYR D 68 -16.62 37.04 -8.78
C TYR D 68 -16.71 37.84 -7.48
N TYR D 69 -17.89 37.80 -6.85
CA TYR D 69 -18.20 38.62 -5.68
C TYR D 69 -18.45 37.74 -4.45
N ILE D 70 -17.81 38.09 -3.34
CA ILE D 70 -18.08 37.42 -2.07
C ILE D 70 -18.14 38.47 -0.96
N GLY D 71 -19.25 38.52 -0.24
CA GLY D 71 -19.42 39.55 0.78
C GLY D 71 -19.21 40.96 0.24
N GLY D 72 -19.68 41.22 -0.98
CA GLY D 72 -19.53 42.52 -1.61
C GLY D 72 -18.14 42.86 -2.12
N ARG D 73 -17.13 42.03 -1.88
CA ARG D 73 -15.80 42.26 -2.41
C ARG D 73 -15.64 41.54 -3.76
N ARG D 74 -14.94 42.19 -4.70
CA ARG D 74 -14.88 41.74 -6.09
C ARG D 74 -13.53 41.15 -6.47
N PHE D 75 -13.53 40.03 -7.21
CA PHE D 75 -12.31 39.41 -7.69
C PHE D 75 -12.43 39.05 -9.17
N SER D 76 -11.28 38.97 -9.85
CA SER D 76 -11.23 38.69 -11.30
C SER D 76 -11.23 37.20 -11.59
N SER D 77 -10.98 36.38 -10.58
CA SER D 77 -10.96 34.92 -10.73
C SER D 77 -11.23 34.27 -9.39
N LEU D 78 -11.74 33.05 -9.45
CA LEU D 78 -11.85 32.24 -8.24
C LEU D 78 -10.50 32.09 -7.58
N SER D 79 -9.42 31.94 -8.38
CA SER D 79 -8.10 31.79 -7.81
C SER D 79 -7.68 33.03 -7.04
N ASP D 80 -7.95 34.22 -7.59
CA ASP D 80 -7.62 35.47 -6.89
C ASP D 80 -8.38 35.58 -5.58
N LEU D 81 -9.64 35.13 -5.56
CA LEU D 81 -10.45 35.15 -4.35
C LEU D 81 -9.83 34.26 -3.27
N ILE D 82 -9.46 33.04 -3.64
CA ILE D 82 -8.76 32.16 -2.72
C ILE D 82 -7.49 32.83 -2.22
N GLY D 83 -6.72 33.44 -3.14
CA GLY D 83 -5.48 34.09 -2.76
C GLY D 83 -5.69 35.22 -1.76
N TYR D 84 -6.74 36.03 -1.95
CA TYR D 84 -6.97 37.16 -1.06
C TYR D 84 -7.25 36.69 0.37
N TYR D 85 -8.12 35.70 0.50
CA TYR D 85 -8.43 35.17 1.83
C TYR D 85 -7.42 34.16 2.33
N SER D 86 -6.35 33.89 1.59
CA SER D 86 -5.22 33.14 2.09
C SER D 86 -4.05 34.03 2.53
N HIS D 87 -3.85 35.18 1.88
CA HIS D 87 -2.63 35.95 2.10
C HIS D 87 -2.82 37.41 2.49
N VAL D 88 -4.00 37.99 2.31
CA VAL D 88 -4.20 39.43 2.49
C VAL D 88 -4.97 39.73 3.77
N SER D 89 -6.11 39.09 3.95
CA SER D 89 -6.98 39.43 5.06
C SER D 89 -7.69 38.16 5.49
N SER D 90 -8.09 38.14 6.75
CA SER D 90 -8.87 37.01 7.22
C SER D 90 -10.21 36.99 6.48
N LEU D 91 -10.71 35.80 6.28
CA LEU D 91 -12.05 35.73 5.69
C LEU D 91 -12.96 36.19 6.81
N LEU D 92 -12.86 35.52 7.95
CA LEU D 92 -13.71 35.95 9.07
C LEU D 92 -13.09 35.68 10.43
N LYS D 93 -13.22 36.64 11.34
CA LYS D 93 -12.92 36.50 12.78
C LYS D 93 -11.59 35.82 13.07
N GLY D 94 -10.53 36.17 12.35
CA GLY D 94 -9.20 35.59 12.58
C GLY D 94 -9.03 34.25 11.89
N GLU D 95 -10.03 33.80 11.13
CA GLU D 95 -9.98 32.50 10.44
C GLU D 95 -9.69 32.76 8.97
N LYS D 96 -8.58 32.22 8.55
CA LYS D 96 -8.02 32.37 7.19
C LYS D 96 -8.03 31.01 6.50
N LEU D 97 -7.92 31.02 5.20
CA LEU D 97 -7.90 29.76 4.45
C LEU D 97 -6.51 29.17 4.63
N LEU D 98 -6.42 27.98 5.22
CA LEU D 98 -5.11 27.32 5.49
C LEU D 98 -4.86 26.10 4.60
N TYR D 99 -5.86 25.22 4.41
CA TYR D 99 -5.58 24.01 3.62
C TYR D 99 -6.57 23.78 2.48
N PRO D 100 -6.12 23.76 1.22
CA PRO D 100 -7.00 23.42 0.14
C PRO D 100 -7.22 21.89 0.11
N VAL D 101 -8.48 21.50 0.04
CA VAL D 101 -8.86 20.06 0.00
C VAL D 101 -9.13 19.71 -1.44
N ALA D 102 -8.40 18.78 -2.00
CA ALA D 102 -8.64 18.42 -3.41
C ALA D 102 -9.77 17.41 -3.49
N PRO D 103 -10.35 17.19 -4.66
CA PRO D 103 -11.35 16.18 -4.83
C PRO D 103 -10.66 14.83 -4.62
N PRO D 104 -11.39 13.80 -4.15
CA PRO D 104 -10.82 12.50 -3.88
C PRO D 104 -10.22 11.91 -5.15
N GLU D 105 -9.11 11.18 -4.99
CA GLU D 105 -8.41 10.53 -6.12
C GLU D 105 -9.29 9.42 -6.69
N PRO D 106 -9.30 9.18 -8.03
CA PRO D 106 -10.14 8.14 -8.62
C PRO D 106 -9.69 6.73 -8.16
N VAL D 107 -10.67 5.85 -7.90
CA VAL D 107 -10.38 4.46 -7.45
C VAL D 107 -9.70 3.70 -8.59
N GLU D 108 -8.75 2.82 -8.25
CA GLU D 108 -8.03 2.03 -9.26
C GLU D 108 -8.90 0.86 -9.73
N ASP D 109 -8.79 0.47 -10.99
CA ASP D 109 -9.66 -0.64 -11.43
C ASP D 109 -9.30 -1.90 -10.64
N ASN E 8 7.59 -31.46 -0.36
CA ASN E 8 6.45 -32.40 -0.43
C ASN E 8 5.12 -31.67 -0.18
N GLN E 9 5.06 -30.38 -0.51
CA GLN E 9 3.80 -29.61 -0.34
C GLN E 9 3.12 -29.59 -1.71
N TRP E 10 1.88 -30.08 -1.80
CA TRP E 10 1.23 -30.13 -3.13
C TRP E 10 -0.25 -29.80 -3.03
N TYR E 11 -0.72 -29.33 -1.88
CA TYR E 11 -2.16 -29.01 -1.70
C TYR E 11 -2.38 -27.51 -1.81
N HIS E 12 -3.18 -27.08 -2.79
CA HIS E 12 -3.41 -25.66 -3.02
C HIS E 12 -4.79 -25.18 -2.59
N GLY E 13 -5.56 -26.01 -1.89
CA GLY E 13 -6.88 -25.55 -1.51
C GLY E 13 -7.77 -25.27 -2.72
N LYS E 14 -8.71 -24.34 -2.51
CA LYS E 14 -9.65 -23.99 -3.55
C LYS E 14 -8.92 -23.14 -4.59
N LEU E 15 -8.85 -23.64 -5.82
CA LEU E 15 -8.04 -22.97 -6.83
C LEU E 15 -8.63 -23.22 -8.21
N ASP E 16 -8.77 -22.17 -9.01
CA ASP E 16 -9.34 -22.44 -10.32
C ASP E 16 -8.28 -22.99 -11.27
N ARG E 17 -8.75 -23.53 -12.40
CA ARG E 17 -7.81 -24.18 -13.32
C ARG E 17 -6.84 -23.18 -13.94
N THR E 18 -7.27 -21.94 -14.19
CA THR E 18 -6.35 -20.99 -14.81
C THR E 18 -5.16 -20.71 -13.90
N ILE E 19 -5.40 -20.52 -12.60
CA ILE E 19 -4.32 -20.30 -11.64
C ILE E 19 -3.50 -21.57 -11.47
N ALA E 20 -4.17 -22.73 -11.42
CA ALA E 20 -3.43 -24.00 -11.36
C ALA E 20 -2.46 -24.12 -12.53
N GLU E 21 -2.90 -23.82 -13.75
CA GLU E 21 -2.01 -23.94 -14.89
C GLU E 21 -0.85 -22.94 -14.80
N GLU E 22 -1.15 -21.72 -14.37
CA GLU E 22 -0.10 -20.73 -14.15
C GLU E 22 0.96 -21.24 -13.17
N ARG E 23 0.52 -21.82 -12.05
CA ARG E 23 1.48 -22.29 -11.05
C ARG E 23 2.32 -23.45 -11.60
N LEU E 24 1.70 -24.34 -12.39
CA LEU E 24 2.44 -25.47 -12.95
C LEU E 24 3.42 -25.02 -14.03
N ARG E 25 3.01 -24.06 -14.86
CA ARG E 25 3.94 -23.58 -15.88
C ARG E 25 5.07 -22.77 -15.26
N GLN E 26 4.80 -22.07 -14.15
CA GLN E 26 5.91 -21.43 -13.44
C GLN E 26 6.94 -22.47 -13.01
N ALA E 27 6.48 -23.59 -12.45
CA ALA E 27 7.40 -24.66 -12.07
C ALA E 27 8.21 -25.13 -13.27
N GLY E 28 7.55 -25.38 -14.40
CA GLY E 28 8.22 -25.54 -15.68
C GLY E 28 8.66 -26.94 -16.06
N LYS E 29 8.64 -27.91 -15.13
CA LYS E 29 9.17 -29.23 -15.42
C LYS E 29 8.02 -30.21 -15.64
N SER E 30 8.06 -30.95 -16.74
CA SER E 30 7.05 -31.97 -16.96
C SER E 30 7.09 -32.97 -15.82
N GLY E 31 5.92 -33.43 -15.40
CA GLY E 31 5.84 -34.24 -14.19
C GLY E 31 5.53 -33.44 -12.94
N SER E 32 5.53 -32.12 -13.02
CA SER E 32 5.13 -31.29 -11.89
C SER E 32 3.62 -31.40 -11.67
N TYR E 33 3.20 -31.41 -10.40
CA TYR E 33 1.77 -31.62 -10.14
C TYR E 33 1.31 -30.92 -8.87
N LEU E 34 0.00 -30.75 -8.74
CA LEU E 34 -0.63 -30.14 -7.55
C LEU E 34 -2.05 -30.65 -7.40
N ILE E 35 -2.62 -30.54 -6.21
CA ILE E 35 -4.01 -30.97 -6.01
C ILE E 35 -4.75 -29.75 -5.47
N ARG E 36 -5.92 -29.47 -6.01
CA ARG E 36 -6.66 -28.28 -5.55
C ARG E 36 -8.12 -28.65 -5.31
N GLU E 37 -8.82 -27.83 -4.55
CA GLU E 37 -10.28 -28.07 -4.41
C GLU E 37 -10.89 -27.53 -5.71
N SER E 38 -11.87 -28.23 -6.30
CA SER E 38 -12.51 -27.73 -7.54
C SER E 38 -13.17 -26.39 -7.25
N ASP E 39 -12.89 -25.39 -8.07
CA ASP E 39 -13.56 -24.07 -7.98
C ASP E 39 -15.02 -24.22 -8.41
N ARG E 40 -15.23 -24.96 -9.50
CA ARG E 40 -16.54 -25.18 -10.13
C ARG E 40 -17.46 -26.00 -9.24
N ARG E 41 -16.91 -27.06 -8.67
CA ARG E 41 -17.72 -27.96 -7.83
C ARG E 41 -17.08 -28.05 -6.46
N PRO E 42 -17.34 -27.06 -5.58
CA PRO E 42 -16.80 -27.04 -4.24
C PRO E 42 -17.15 -28.37 -3.54
N GLY E 43 -16.15 -28.96 -2.90
CA GLY E 43 -16.27 -30.28 -2.27
C GLY E 43 -15.68 -31.40 -3.13
N SER E 44 -15.17 -31.08 -4.31
CA SER E 44 -14.52 -32.08 -5.20
C SER E 44 -13.07 -31.64 -5.47
N PHE E 45 -12.20 -32.52 -5.94
CA PHE E 45 -10.74 -32.19 -6.09
C PHE E 45 -10.21 -32.51 -7.50
N VAL E 46 -9.12 -31.87 -7.89
CA VAL E 46 -8.50 -32.00 -9.21
C VAL E 46 -7.03 -32.25 -9.02
N LEU E 47 -6.51 -33.29 -9.67
CA LEU E 47 -5.08 -33.48 -9.82
C LEU E 47 -4.66 -32.77 -11.11
N SER E 48 -3.98 -31.62 -10.98
CA SER E 48 -3.47 -30.86 -12.12
C SER E 48 -1.99 -31.18 -12.35
N PHE E 49 -1.63 -31.45 -13.61
CA PHE E 49 -0.39 -32.12 -13.97
C PHE E 49 0.20 -31.51 -15.24
N LEU E 50 1.47 -31.15 -15.20
CA LEU E 50 2.15 -30.62 -16.40
C LEU E 50 2.81 -31.79 -17.11
N SER E 51 2.25 -32.18 -18.25
CA SER E 51 2.80 -33.30 -19.06
C SER E 51 3.80 -32.77 -20.08
N GLN E 52 4.19 -33.61 -21.01
CA GLN E 52 5.16 -33.18 -22.05
C GLN E 52 4.51 -32.24 -23.05
N MET E 53 5.35 -31.43 -23.68
CA MET E 53 4.91 -30.55 -24.78
C MET E 53 3.89 -29.49 -24.32
N ASN E 54 4.07 -28.98 -23.09
CA ASN E 54 3.32 -27.80 -22.61
C ASN E 54 1.81 -28.08 -22.48
N VAL E 55 1.44 -29.29 -22.12
CA VAL E 55 0.04 -29.65 -21.92
C VAL E 55 -0.17 -29.91 -20.42
N VAL E 56 -1.12 -29.18 -19.81
CA VAL E 56 -1.55 -29.41 -18.43
C VAL E 56 -2.86 -30.19 -18.44
N ASN E 57 -2.90 -31.28 -17.69
CA ASN E 57 -4.11 -32.10 -17.55
C ASN E 57 -4.79 -31.85 -16.20
N HIS E 58 -6.11 -32.04 -16.16
CA HIS E 58 -6.91 -31.84 -14.94
C HIS E 58 -7.78 -33.07 -14.70
N PHE E 59 -7.47 -33.85 -13.65
CA PHE E 59 -8.21 -35.06 -13.30
C PHE E 59 -9.10 -34.81 -12.09
N ARG E 60 -10.39 -35.04 -12.25
CA ARG E 60 -11.34 -34.85 -11.15
C ARG E 60 -11.10 -35.90 -10.07
N ILE E 61 -11.21 -35.48 -8.81
CA ILE E 61 -11.16 -36.40 -7.67
C ILE E 61 -12.37 -36.15 -6.76
N ILE E 62 -13.21 -37.17 -6.59
CA ILE E 62 -14.36 -37.09 -5.70
C ILE E 62 -14.08 -37.89 -4.43
N ALA E 63 -14.34 -37.25 -3.30
CA ALA E 63 -14.18 -37.84 -1.98
C ALA E 63 -15.52 -38.27 -1.40
N MET E 64 -15.58 -39.50 -0.88
CA MET E 64 -16.76 -39.98 -0.16
C MET E 64 -16.30 -40.73 1.08
N SER E 65 -16.55 -40.14 2.25
CA SER E 65 -16.34 -40.78 3.55
C SER E 65 -14.96 -41.40 3.69
N GLY E 66 -13.94 -40.63 3.34
CA GLY E 66 -12.58 -41.09 3.42
C GLY E 66 -12.08 -41.88 2.23
N ASP E 67 -12.90 -42.14 1.23
CA ASP E 67 -12.41 -42.71 0.00
C ASP E 67 -12.29 -41.61 -1.04
N TYR E 68 -11.32 -41.76 -1.92
CA TYR E 68 -11.13 -40.72 -2.95
C TYR E 68 -11.11 -41.38 -4.31
N TYR E 69 -11.91 -40.84 -5.23
CA TYR E 69 -11.98 -41.49 -6.55
C TYR E 69 -11.44 -40.61 -7.69
N ILE E 70 -10.53 -41.21 -8.46
CA ILE E 70 -10.00 -40.59 -9.68
C ILE E 70 -10.14 -41.64 -10.79
N GLY E 71 -10.86 -41.32 -11.86
CA GLY E 71 -11.03 -42.31 -12.94
C GLY E 71 -11.68 -43.57 -12.40
N GLY E 72 -12.61 -43.37 -11.47
CA GLY E 72 -13.33 -44.49 -10.86
C GLY E 72 -12.48 -45.26 -9.84
N ARG E 73 -11.17 -45.02 -9.80
CA ARG E 73 -10.22 -45.69 -8.87
C ARG E 73 -10.39 -45.15 -7.45
N ARG E 74 -10.03 -45.98 -6.45
CA ARG E 74 -10.19 -45.63 -5.03
C ARG E 74 -8.88 -45.64 -4.27
N PHE E 75 -8.67 -44.63 -3.46
CA PHE E 75 -7.45 -44.60 -2.66
C PHE E 75 -7.81 -44.29 -1.24
N SER E 76 -6.99 -44.78 -0.33
CA SER E 76 -7.37 -44.53 1.05
C SER E 76 -7.03 -43.12 1.48
N SER E 77 -6.22 -42.41 0.69
CA SER E 77 -5.84 -41.04 1.01
C SER E 77 -5.39 -40.36 -0.27
N LEU E 78 -5.51 -39.04 -0.30
CA LEU E 78 -4.89 -38.30 -1.39
C LEU E 78 -3.40 -38.58 -1.48
N SER E 79 -2.75 -38.73 -0.32
CA SER E 79 -1.31 -39.00 -0.30
C SER E 79 -0.99 -40.34 -0.94
N ASP E 80 -1.79 -41.36 -0.64
CA ASP E 80 -1.62 -42.67 -1.29
C ASP E 80 -1.82 -42.57 -2.79
N LEU E 81 -2.78 -41.75 -3.22
CA LEU E 81 -3.00 -41.55 -4.65
C LEU E 81 -1.75 -40.95 -5.27
N ILE E 82 -1.21 -39.90 -4.65
CA ILE E 82 0.05 -39.33 -5.14
C ILE E 82 1.14 -40.38 -5.15
N GLY E 83 1.27 -41.15 -4.06
CA GLY E 83 2.31 -42.17 -4.01
C GLY E 83 2.17 -43.19 -5.12
N TYR E 84 0.92 -43.57 -5.42
CA TYR E 84 0.67 -44.60 -6.41
C TYR E 84 1.13 -44.17 -7.79
N TYR E 85 0.74 -42.98 -8.20
CA TYR E 85 1.12 -42.47 -9.51
C TYR E 85 2.52 -41.90 -9.52
N SER E 86 3.24 -41.96 -8.41
CA SER E 86 4.65 -41.62 -8.36
C SER E 86 5.57 -42.82 -8.39
N HIS E 87 5.15 -43.95 -7.79
CA HIS E 87 6.03 -45.09 -7.59
C HIS E 87 5.51 -46.42 -8.14
N VAL E 88 4.23 -46.54 -8.48
CA VAL E 88 3.64 -47.80 -8.90
C VAL E 88 3.31 -47.81 -10.39
N SER E 89 2.56 -46.81 -10.86
CA SER E 89 2.04 -46.85 -12.22
C SER E 89 1.93 -45.44 -12.80
N SER E 90 1.85 -45.36 -14.13
CA SER E 90 1.76 -44.07 -14.85
C SER E 90 0.38 -43.45 -14.71
N LEU E 91 0.29 -42.14 -14.85
CA LEU E 91 -1.03 -41.48 -14.76
C LEU E 91 -1.64 -41.34 -16.15
N LEU E 92 -0.87 -40.81 -17.08
CA LEU E 92 -1.37 -40.69 -18.46
C LEU E 92 -0.29 -41.10 -19.44
N LYS E 93 -0.53 -42.15 -20.20
CA LYS E 93 0.40 -42.56 -21.28
C LYS E 93 1.87 -42.66 -20.87
N GLY E 94 2.19 -43.41 -19.83
CA GLY E 94 3.61 -43.59 -19.50
C GLY E 94 4.24 -42.45 -18.75
N GLU E 95 3.47 -41.44 -18.34
CA GLU E 95 4.06 -40.32 -17.57
C GLU E 95 3.67 -40.45 -16.09
N LYS E 96 4.62 -40.33 -15.18
CA LYS E 96 4.32 -40.41 -13.72
C LYS E 96 4.48 -39.04 -13.06
N LEU E 97 4.13 -38.96 -11.77
CA LEU E 97 4.27 -37.72 -10.99
C LEU E 97 5.73 -37.61 -10.59
N LEU E 98 6.32 -36.42 -10.67
CA LEU E 98 7.76 -36.32 -10.31
C LEU E 98 8.00 -35.16 -9.36
N TYR E 99 7.35 -34.04 -9.59
CA TYR E 99 7.66 -32.84 -8.80
C TYR E 99 6.42 -32.18 -8.22
N PRO E 100 6.20 -32.35 -6.91
CA PRO E 100 5.12 -31.66 -6.25
C PRO E 100 5.43 -30.17 -6.29
N VAL E 101 4.41 -29.37 -6.57
CA VAL E 101 4.56 -27.90 -6.61
C VAL E 101 3.82 -27.35 -5.41
N ALA E 102 4.55 -26.73 -4.51
CA ALA E 102 3.92 -26.17 -3.32
C ALA E 102 3.25 -24.87 -3.71
N PRO E 103 2.27 -24.42 -2.92
CA PRO E 103 1.65 -23.13 -3.11
C PRO E 103 2.64 -22.01 -2.81
N PRO E 104 2.43 -20.80 -3.36
CA PRO E 104 3.35 -19.72 -3.14
C PRO E 104 3.55 -19.35 -1.68
N GLU E 105 4.79 -19.04 -1.37
CA GLU E 105 5.20 -18.62 -0.01
C GLU E 105 4.53 -17.31 0.33
N PRO E 106 4.35 -16.98 1.60
CA PRO E 106 3.70 -15.73 1.95
C PRO E 106 4.50 -14.53 1.46
N VAL E 107 3.78 -13.50 1.04
CA VAL E 107 4.39 -12.27 0.56
C VAL E 107 5.04 -11.51 1.72
N GLU E 108 6.15 -10.84 1.43
CA GLU E 108 6.81 -9.99 2.42
C GLU E 108 6.01 -8.71 2.58
N ASP E 109 5.46 -8.48 3.77
CA ASP E 109 4.77 -7.23 4.10
C ASP E 109 5.41 -5.93 3.56
N GLN F 9 30.27 17.07 2.90
CA GLN F 9 29.18 16.47 2.10
C GLN F 9 27.93 16.42 3.00
N TRP F 10 26.87 17.09 2.58
CA TRP F 10 25.67 17.23 3.44
C TRP F 10 24.38 17.25 2.64
N TYR F 11 24.45 17.00 1.35
CA TYR F 11 23.22 17.08 0.54
C TYR F 11 22.62 15.70 0.47
N HIS F 12 21.38 15.51 0.93
CA HIS F 12 20.75 14.17 0.91
C HIS F 12 19.68 14.02 -0.18
N GLY F 13 19.44 15.04 -0.99
CA GLY F 13 18.38 14.90 -1.99
C GLY F 13 17.00 14.85 -1.36
N LYS F 14 16.05 14.22 -2.03
CA LYS F 14 14.68 14.15 -1.48
C LYS F 14 14.70 13.21 -0.28
N LEU F 15 14.31 13.72 0.86
CA LEU F 15 14.32 12.87 2.07
C LEU F 15 13.22 13.39 2.99
N ASP F 16 12.48 12.48 3.59
CA ASP F 16 11.38 12.89 4.49
C ASP F 16 11.92 13.26 5.86
N ARG F 17 11.02 13.79 6.68
CA ARG F 17 11.41 14.29 7.99
C ARG F 17 11.90 13.17 8.90
N THR F 18 11.20 12.03 8.92
CA THR F 18 11.57 10.99 9.89
C THR F 18 12.94 10.42 9.58
N ILE F 19 13.25 10.17 8.30
CA ILE F 19 14.56 9.63 7.93
C ILE F 19 15.65 10.66 8.19
N ALA F 20 15.39 11.94 7.88
CA ALA F 20 16.36 12.99 8.22
C ALA F 20 16.70 12.98 9.71
N GLU F 21 15.68 12.89 10.57
CA GLU F 21 15.96 12.84 12.00
C GLU F 21 16.71 11.56 12.37
N GLU F 22 16.34 10.43 11.78
CA GLU F 22 17.09 9.19 12.01
C GLU F 22 18.56 9.37 11.64
N ARG F 23 18.84 9.99 10.50
CA ARG F 23 20.23 10.15 10.05
C ARG F 23 21.00 11.09 10.97
N LEU F 24 20.36 12.15 11.49
CA LEU F 24 21.06 13.06 12.39
C LEU F 24 21.29 12.41 13.75
N ARG F 25 20.32 11.64 14.23
CA ARG F 25 20.53 11.01 15.53
C ARG F 25 21.58 9.92 15.47
N GLN F 26 21.70 9.25 14.34
CA GLN F 26 22.78 8.26 14.19
C GLN F 26 24.12 8.99 14.35
N ALA F 27 24.26 10.18 13.76
CA ALA F 27 25.53 10.92 13.90
C ALA F 27 25.71 11.22 15.37
N GLY F 28 24.66 11.73 16.01
CA GLY F 28 24.60 11.89 17.47
C GLY F 28 25.24 13.12 18.07
N LYS F 29 25.95 13.94 17.33
CA LYS F 29 26.63 15.12 17.89
C LYS F 29 25.80 16.36 17.62
N SER F 30 25.55 17.14 18.67
CA SER F 30 24.87 18.42 18.45
C SER F 30 25.69 19.30 17.52
N GLY F 31 25.01 20.01 16.64
CA GLY F 31 25.65 20.73 15.56
C GLY F 31 25.70 19.95 14.26
N SER F 32 25.26 18.70 14.28
CA SER F 32 25.18 17.89 13.07
C SER F 32 24.02 18.38 12.18
N TYR F 33 24.24 18.39 10.86
CA TYR F 33 23.24 18.96 9.97
C TYR F 33 23.28 18.28 8.61
N LEU F 34 22.19 18.43 7.87
CA LEU F 34 22.12 18.05 6.47
C LEU F 34 21.10 18.93 5.79
N ILE F 35 21.17 18.99 4.47
CA ILE F 35 20.15 19.62 3.67
C ILE F 35 19.46 18.56 2.85
N ARG F 36 18.14 18.65 2.78
CA ARG F 36 17.35 17.75 1.95
C ARG F 36 16.34 18.55 1.13
N GLU F 37 15.91 17.94 0.04
CA GLU F 37 14.74 18.43 -0.67
C GLU F 37 13.52 17.98 0.11
N SER F 38 12.56 18.88 0.24
CA SER F 38 11.36 18.57 1.02
C SER F 38 10.55 17.49 0.34
N ASP F 39 10.23 16.40 1.06
CA ASP F 39 9.35 15.34 0.54
C ASP F 39 7.95 15.92 0.33
N ARG F 40 7.51 16.74 1.27
CA ARG F 40 6.17 17.38 1.22
C ARG F 40 6.04 18.45 0.14
N ARG F 41 7.05 19.31 -0.03
CA ARG F 41 6.96 20.36 -1.06
C ARG F 41 8.16 20.21 -1.98
N PRO F 42 8.01 19.51 -3.11
CA PRO F 42 9.11 19.33 -4.04
C PRO F 42 9.56 20.68 -4.58
N GLY F 43 10.87 20.87 -4.76
CA GLY F 43 11.38 22.15 -5.27
C GLY F 43 11.77 23.09 -4.16
N SER F 44 11.47 22.73 -2.92
CA SER F 44 11.92 23.50 -1.77
C SER F 44 12.77 22.58 -0.91
N PHE F 45 13.52 23.18 0.02
CA PHE F 45 14.53 22.43 0.75
C PHE F 45 14.40 22.66 2.26
N VAL F 46 15.06 21.80 3.02
CA VAL F 46 15.06 21.85 4.46
C VAL F 46 16.48 21.70 4.97
N LEU F 47 16.88 22.61 5.86
CA LEU F 47 18.09 22.45 6.67
C LEU F 47 17.68 21.75 7.98
N SER F 48 18.02 20.48 8.09
CA SER F 48 17.74 19.71 9.30
C SER F 48 18.97 19.70 10.21
N PHE F 49 18.75 19.95 11.50
CA PHE F 49 19.81 20.30 12.43
C PHE F 49 19.56 19.63 13.78
N LEU F 50 20.54 18.88 14.26
CA LEU F 50 20.46 18.29 15.60
C LEU F 50 20.95 19.33 16.60
N SER F 51 20.03 19.89 17.38
CA SER F 51 20.36 20.89 18.38
C SER F 51 20.67 20.21 19.70
N GLN F 52 20.82 20.99 20.76
CA GLN F 52 21.06 20.41 22.07
C GLN F 52 19.79 19.75 22.62
N MET F 53 19.99 18.84 23.57
CA MET F 53 18.90 18.20 24.29
C MET F 53 17.99 17.37 23.39
N ASN F 54 18.58 16.73 22.36
CA ASN F 54 17.91 15.72 21.53
C ASN F 54 16.76 16.30 20.70
N VAL F 55 16.90 17.54 20.25
CA VAL F 55 15.90 18.21 19.42
C VAL F 55 16.49 18.34 18.02
N VAL F 56 15.75 17.86 17.01
CA VAL F 56 16.12 18.09 15.62
C VAL F 56 15.26 19.21 15.04
N ASN F 57 15.92 20.24 14.50
CA ASN F 57 15.19 21.35 13.89
C ASN F 57 15.17 21.21 12.37
N HIS F 58 14.10 21.72 11.75
CA HIS F 58 13.92 21.66 10.30
C HIS F 58 13.57 23.07 9.82
N PHE F 59 14.51 23.72 9.13
CA PHE F 59 14.33 25.09 8.63
C PHE F 59 14.02 25.07 7.14
N ARG F 60 12.89 25.66 6.76
CA ARG F 60 12.52 25.72 5.35
C ARG F 60 13.46 26.65 4.57
N ILE F 61 13.80 26.24 3.36
CA ILE F 61 14.62 27.02 2.43
C ILE F 61 13.89 27.13 1.08
N ILE F 62 13.62 28.37 0.65
CA ILE F 62 12.96 28.64 -0.62
C ILE F 62 14.01 29.07 -1.63
N ALA F 63 13.99 28.45 -2.82
CA ALA F 63 14.88 28.79 -3.92
C ALA F 63 14.13 29.57 -4.99
N MET F 64 14.69 30.73 -5.39
CA MET F 64 14.13 31.52 -6.48
C MET F 64 15.27 31.97 -7.39
N SER F 65 15.36 31.36 -8.58
CA SER F 65 16.26 31.83 -9.64
C SER F 65 17.66 32.15 -9.11
N GLY F 66 18.23 31.18 -8.42
CA GLY F 66 19.55 31.27 -7.83
C GLY F 66 19.63 31.94 -6.48
N ASP F 67 18.53 32.46 -5.95
CA ASP F 67 18.54 32.96 -4.58
C ASP F 67 17.87 31.94 -3.67
N TYR F 68 18.36 31.88 -2.43
CA TYR F 68 17.90 30.89 -1.46
C TYR F 68 17.58 31.61 -0.17
N TYR F 69 16.36 31.43 0.30
CA TYR F 69 15.84 32.17 1.43
C TYR F 69 15.62 31.23 2.61
N ILE F 70 16.12 31.63 3.78
CA ILE F 70 15.88 30.95 5.04
C ILE F 70 15.59 32.01 6.09
N GLY F 71 14.43 31.91 6.74
CA GLY F 71 14.03 32.98 7.66
C GLY F 71 14.06 34.34 7.00
N GLY F 72 13.69 34.42 5.72
CA GLY F 72 13.74 35.66 4.98
C GLY F 72 15.12 36.14 4.60
N ARG F 73 16.17 35.44 5.06
CA ARG F 73 17.56 35.77 4.73
C ARG F 73 17.94 35.13 3.41
N ARG F 74 18.74 35.84 2.61
CA ARG F 74 19.03 35.42 1.25
C ARG F 74 20.49 34.99 1.06
N PHE F 75 20.68 33.88 0.34
CA PHE F 75 21.99 33.38 -0.07
C PHE F 75 21.97 32.97 -1.54
N SER F 76 23.17 32.95 -2.14
CA SER F 76 23.33 32.68 -3.58
C SER F 76 23.48 31.19 -3.91
N SER F 77 23.64 30.35 -2.89
CA SER F 77 23.72 28.91 -3.08
C SER F 77 23.42 28.26 -1.75
N LEU F 78 22.97 27.00 -1.81
CA LEU F 78 22.85 26.21 -0.58
C LEU F 78 24.18 26.15 0.17
N SER F 79 25.29 26.03 -0.55
CA SER F 79 26.61 25.97 0.11
C SER F 79 26.93 27.27 0.85
N ASP F 80 26.63 28.42 0.25
CA ASP F 80 26.90 29.68 0.93
C ASP F 80 26.12 29.78 2.23
N LEU F 81 24.88 29.30 2.22
CA LEU F 81 24.03 29.31 3.40
C LEU F 81 24.67 28.47 4.51
N ILE F 82 25.10 27.24 4.18
CA ILE F 82 25.82 26.41 5.14
C ILE F 82 27.04 27.16 5.66
N GLY F 83 27.77 27.84 4.76
CA GLY F 83 28.94 28.57 5.20
C GLY F 83 28.63 29.66 6.21
N TYR F 84 27.54 30.39 5.99
CA TYR F 84 27.22 31.52 6.84
C TYR F 84 26.85 31.05 8.24
N TYR F 85 26.00 30.05 8.32
CA TYR F 85 25.61 29.54 9.64
C TYR F 85 26.62 28.60 10.24
N SER F 86 27.76 28.44 9.58
CA SER F 86 28.88 27.68 10.15
C SER F 86 29.97 28.64 10.62
N HIS F 87 30.16 29.76 9.92
CA HIS F 87 31.32 30.59 10.29
C HIS F 87 30.99 32.06 10.54
N VAL F 88 29.78 32.48 10.25
CA VAL F 88 29.50 33.93 10.44
C VAL F 88 28.56 34.15 11.60
N SER F 89 27.47 33.41 11.66
CA SER F 89 26.49 33.70 12.72
C SER F 89 25.77 32.42 13.16
N SER F 90 25.18 32.50 14.35
CA SER F 90 24.47 31.37 14.97
C SER F 90 23.20 31.08 14.20
N LEU F 91 22.89 29.80 14.03
CA LEU F 91 21.60 29.46 13.39
C LEU F 91 20.46 29.72 14.37
N LEU F 92 20.58 29.24 15.61
CA LEU F 92 19.51 29.49 16.62
C LEU F 92 20.09 29.37 18.02
N LYS F 93 19.62 30.20 18.95
CA LYS F 93 20.00 30.15 20.39
C LYS F 93 21.52 30.10 20.58
N GLY F 94 22.28 30.89 19.83
CA GLY F 94 23.75 30.82 19.93
C GLY F 94 24.32 29.48 19.52
N GLU F 95 23.69 28.76 18.59
CA GLU F 95 24.25 27.46 18.16
C GLU F 95 24.50 27.52 16.67
N LYS F 96 25.55 26.89 16.21
CA LYS F 96 25.93 26.97 14.79
C LYS F 96 26.14 25.59 14.20
N LEU F 97 26.20 25.51 12.88
CA LEU F 97 26.47 24.23 12.21
C LEU F 97 27.89 23.78 12.52
N LEU F 98 28.10 22.54 12.96
CA LEU F 98 29.49 22.06 13.16
C LEU F 98 29.78 20.81 12.36
N TYR F 99 28.82 19.89 12.24
CA TYR F 99 29.16 18.63 11.55
C TYR F 99 28.25 18.28 10.37
N PRO F 100 28.76 18.31 9.14
CA PRO F 100 27.97 17.86 8.00
C PRO F 100 27.83 16.34 8.02
N VAL F 101 26.61 15.84 7.94
CA VAL F 101 26.30 14.38 7.90
C VAL F 101 26.07 13.99 6.44
N ALA F 102 26.90 13.13 5.91
CA ALA F 102 26.82 12.70 4.51
C ALA F 102 25.79 11.59 4.39
N PRO F 103 25.15 11.45 3.22
CA PRO F 103 24.24 10.33 2.98
C PRO F 103 24.94 9.01 3.19
N PRO F 104 24.21 7.97 3.53
CA PRO F 104 24.79 6.68 3.71
C PRO F 104 25.60 6.25 2.50
N GLU F 105 26.65 5.51 2.78
CA GLU F 105 27.52 4.91 1.74
C GLU F 105 26.73 3.85 0.99
N PRO F 106 27.08 3.53 -0.25
CA PRO F 106 26.36 2.53 -1.02
C PRO F 106 26.45 1.17 -0.33
N VAL F 107 25.42 0.36 -0.45
CA VAL F 107 25.47 -0.97 0.23
C VAL F 107 26.37 -1.87 -0.61
N GLU F 108 27.09 -2.79 0.04
CA GLU F 108 28.00 -3.73 -0.66
C GLU F 108 27.17 -4.77 -1.42
N ASP F 109 27.39 -4.90 -2.73
CA ASP F 109 26.65 -5.88 -3.56
C ASP F 109 27.03 -7.30 -3.15
#